data_7TD7
#
_entry.id   7TD7
#
_cell.length_a   61.110
_cell.length_b   61.110
_cell.length_c   103.416
_cell.angle_alpha   90.000
_cell.angle_beta   90.000
_cell.angle_gamma   120.000
#
_symmetry.space_group_name_H-M   'P 32 1 2'
#
loop_
_entity.id
_entity.type
_entity.pdbx_description
1 polymer 'thiM riboswitch RNA (78-MER)'
2 non-polymer 'MANGANESE (II) ION'
3 non-polymer 'MAGNESIUM ION'
4 non-polymer 3-(4-AMINO-2-METHYL-PYRIMIDIN-5-YLMETHYL)-5-(2-HYDROXY-ETHYL)-4-METHYL-THIAZOL-3-IUM
#
_entity_poly.entity_id   1
_entity_poly.type   'polyribonucleotide'
_entity_poly.pdbx_seq_one_letter_code
;GCGACUCGGGGUGCCCUUCUGCGUGAAGGCUGAGAAAUACCCGUAUCACCUGAUCUGGAUAAUGCCAGCGUAGGGAAGUC
GCA
;
_entity_poly.pdbx_strand_id   A
#
loop_
_chem_comp.id
_chem_comp.type
_chem_comp.name
_chem_comp.formula
A RNA linking ADENOSINE-5'-MONOPHOSPHATE 'C10 H14 N5 O7 P'
C RNA linking CYTIDINE-5'-MONOPHOSPHATE 'C9 H14 N3 O8 P'
G RNA linking GUANOSINE-5'-MONOPHOSPHATE 'C10 H14 N5 O8 P'
MG non-polymer 'MAGNESIUM ION' 'Mg 2'
MN non-polymer 'MANGANESE (II) ION' 'Mn 2'
U RNA linking URIDINE-5'-MONOPHOSPHATE 'C9 H13 N2 O9 P'
VIB non-polymer 3-(4-AMINO-2-METHYL-PYRIMIDIN-5-YLMETHYL)-5-(2-HYDROXY-ETHYL)-4-METHYL-THIAZOL-3-IUM 'C12 H17 N4 O S 1'
#
# COMPACT_ATOMS: atom_id res chain seq x y z
MN MN B . 1.47 -0.14 7.42
MG MG C . 10.77 -4.07 1.53
MG MG D . 6.68 -11.58 -9.32
CM2 VIB E . -0.91 -4.48 -1.08
N4A VIB E . 2.43 -1.07 -0.21
CM4 VIB E . -0.79 2.47 2.16
O1 VIB E . -3.63 6.51 1.86
C7 VIB E . -3.45 5.54 0.83
C6 VIB E . -3.20 4.17 1.46
C2 VIB E . -1.32 1.89 -1.42
S1 VIB E . -2.66 2.99 -1.24
C5 VIB E . -2.41 3.29 0.52
C4 VIB E . -1.35 2.51 0.78
N3 VIB E . -0.81 1.81 -0.20
C7A VIB E . 0.38 0.96 0.04
C4A VIB E . 1.10 -1.44 -0.38
N3A VIB E . 0.78 -2.72 -0.63
C2A VIB E . -0.49 -3.07 -0.78
N1A VIB E . -1.45 -2.18 -0.67
C6A VIB E . -1.21 -0.92 -0.42
C5A VIB E . 0.08 -0.49 -0.25
#